data_6QX6
#
_entry.id   6QX6
#
_cell.length_a   47.690
_cell.length_b   77.690
_cell.length_c   80.940
_cell.angle_alpha   90.00
_cell.angle_beta   91.99
_cell.angle_gamma   90.00
#
_symmetry.space_group_name_H-M   'P 1 21 1'
#
loop_
_entity.id
_entity.type
_entity.pdbx_description
1 polymer 'Ferredoxin bilin reductase plastid'
2 non-polymer 15,16-DIHYDROBILIVERDIN
3 non-polymer 'SULFATE ION'
4 non-polymer 'PENTAETHYLENE GLYCOL'
5 water water
#
_entity_poly.entity_id   1
_entity_poly.type   'polypeptide(L)'
_entity_poly.pdbx_seq_one_letter_code
;GGSEAVSDIYKPFWEWAAKTIKERLGDDLVSYPIPDGYLRKEAMVGKGKRESLAWTQSYGYQTKKMRQIRAAHVNGGASL
QVLNLVFFPHMNYDLPFLGLDLVTLPGGHLIAIDMQPLFQTEEYKKKYAEPCMDMYQKHVKNLPWGGDFPEEAKQYFSPV
FLWTRPQEDKQVETYVFEAFKDYINKYLDFVEAAKPVTDPDHLARIRERQLSYLQYRAEKDPARGMFTRMYGPEWTERYI
HGFLFDLEEKMESGEYKTGELLPCSDPLNFQPTPL
;
_entity_poly.pdbx_strand_id   A,B
#
loop_
_chem_comp.id
_chem_comp.type
_chem_comp.name
_chem_comp.formula
1PE non-polymer 'PENTAETHYLENE GLYCOL' 'C10 H22 O6'
DBV non-polymer 15,16-DIHYDROBILIVERDIN 'C33 H36 N4 O6'
SO4 non-polymer 'SULFATE ION' 'O4 S -2'
#
# COMPACT_ATOMS: atom_id res chain seq x y z
N ALA A 5 29.35 13.70 2.67
CA ALA A 5 28.01 13.80 2.10
C ALA A 5 27.55 15.24 2.04
N VAL A 6 26.53 15.52 1.23
CA VAL A 6 26.00 16.87 1.12
C VAL A 6 25.58 17.33 2.50
N SER A 7 26.10 18.48 2.94
CA SER A 7 25.82 18.95 4.29
C SER A 7 24.42 19.51 4.41
N ASP A 8 23.96 20.27 3.41
CA ASP A 8 22.65 20.91 3.43
C ASP A 8 21.93 20.51 2.14
N ILE A 9 21.43 19.29 2.11
CA ILE A 9 20.87 18.75 0.87
C ILE A 9 19.49 19.31 0.56
N TYR A 10 18.80 19.90 1.53
CA TYR A 10 17.47 20.47 1.30
C TYR A 10 17.50 21.97 1.09
N LYS A 11 18.67 22.61 1.17
CA LYS A 11 18.74 24.03 0.82
C LYS A 11 18.27 24.27 -0.61
N PRO A 12 18.67 23.48 -1.61
CA PRO A 12 18.09 23.67 -2.96
C PRO A 12 16.60 23.41 -3.01
N PHE A 13 16.08 22.51 -2.17
CA PHE A 13 14.65 22.30 -2.10
C PHE A 13 13.95 23.56 -1.63
N TRP A 14 14.38 24.11 -0.49
CA TRP A 14 13.73 25.30 0.04
C TRP A 14 13.84 26.47 -0.93
N GLU A 15 15.03 26.68 -1.52
CA GLU A 15 15.19 27.80 -2.44
C GLU A 15 14.23 27.69 -3.62
N TRP A 16 14.01 26.47 -4.12
CA TRP A 16 13.06 26.30 -5.22
C TRP A 16 11.64 26.56 -4.75
N ALA A 17 11.26 25.99 -3.60
CA ALA A 17 9.91 26.22 -3.06
C ALA A 17 9.67 27.70 -2.81
N ALA A 18 10.63 28.38 -2.22
CA ALA A 18 10.48 29.82 -1.96
C ALA A 18 10.26 30.58 -3.26
N LYS A 19 11.10 30.32 -4.27
CA LYS A 19 10.93 30.97 -5.56
C LYS A 19 9.55 30.69 -6.15
N THR A 20 9.07 29.45 -6.02
CA THR A 20 7.80 29.08 -6.63
C THR A 20 6.64 29.70 -5.87
N ILE A 21 6.65 29.60 -4.54
CA ILE A 21 5.63 30.25 -3.72
C ILE A 21 5.56 31.73 -4.06
N LYS A 22 6.72 32.38 -4.11
CA LYS A 22 6.76 33.83 -4.34
C LYS A 22 6.19 34.17 -5.71
N GLU A 23 6.59 33.43 -6.74
CA GLU A 23 6.13 33.71 -8.10
C GLU A 23 4.64 33.42 -8.26
N ARG A 24 4.20 32.24 -7.82
CA ARG A 24 2.86 31.78 -8.17
C ARG A 24 1.78 32.40 -7.29
N LEU A 25 2.10 32.78 -6.05
CA LEU A 25 1.12 33.41 -5.18
C LEU A 25 1.22 34.93 -5.17
N GLY A 26 2.37 35.49 -5.57
CA GLY A 26 2.45 36.91 -5.87
C GLY A 26 1.95 37.79 -4.75
N ASP A 27 1.12 38.79 -5.11
CA ASP A 27 0.66 39.78 -4.16
C ASP A 27 -0.38 39.24 -3.18
N ASP A 28 -0.95 38.06 -3.43
CA ASP A 28 -1.79 37.42 -2.44
C ASP A 28 -0.99 36.97 -1.23
N LEU A 29 0.32 36.81 -1.38
CA LEU A 29 1.16 36.23 -0.33
C LEU A 29 1.56 37.27 0.70
N VAL A 30 1.32 36.96 1.97
CA VAL A 30 1.78 37.82 3.06
C VAL A 30 2.41 36.95 4.14
N SER A 31 3.22 37.59 4.98
CA SER A 31 3.87 36.87 6.06
C SER A 31 2.85 36.30 7.03
N TYR A 32 3.14 35.12 7.56
CA TYR A 32 2.45 34.52 8.69
C TYR A 32 3.24 34.80 9.97
N PRO A 33 2.60 35.19 11.07
CA PRO A 33 3.36 35.54 12.28
C PRO A 33 4.11 34.34 12.83
N ILE A 34 5.44 34.49 12.95
CA ILE A 34 6.28 33.48 13.58
C ILE A 34 6.52 33.95 15.02
N PRO A 35 6.04 33.22 16.04
CA PRO A 35 6.19 33.69 17.42
C PRO A 35 7.64 34.02 17.75
N ASP A 36 7.82 35.11 18.49
CA ASP A 36 9.16 35.56 18.88
C ASP A 36 9.90 34.45 19.61
N GLY A 37 11.15 34.21 19.21
CA GLY A 37 11.94 33.14 19.76
C GLY A 37 11.87 31.83 19.01
N TYR A 38 11.16 31.79 17.89
CA TYR A 38 11.01 30.57 17.10
C TYR A 38 11.33 30.79 15.63
N LEU A 39 11.89 31.96 15.29
CA LEU A 39 12.33 32.21 13.91
C LEU A 39 13.61 31.44 13.61
N ARG A 40 14.59 31.51 14.51
CA ARG A 40 15.86 30.83 14.35
C ARG A 40 16.32 30.36 15.72
N LYS A 41 16.58 29.06 15.84
CA LYS A 41 16.97 28.44 17.11
C LYS A 41 18.20 27.60 16.87
N GLU A 42 19.22 27.79 17.70
CA GLU A 42 20.50 27.12 17.51
C GLU A 42 20.96 26.49 18.82
N ALA A 43 21.62 25.34 18.70
CA ALA A 43 22.19 24.66 19.85
C ALA A 43 23.27 23.71 19.36
N MET A 44 24.25 23.46 20.22
CA MET A 44 25.31 22.50 19.92
C MET A 44 24.78 21.09 20.13
N VAL A 45 25.22 20.19 19.24
CA VAL A 45 24.75 18.79 19.29
C VAL A 45 25.93 17.85 19.43
N SER A 52 28.82 19.84 16.29
CA SER A 52 28.68 21.01 15.43
C SER A 52 27.43 21.80 15.78
N LEU A 53 27.34 23.02 15.25
CA LEU A 53 26.17 23.86 15.45
C LEU A 53 24.99 23.32 14.65
N ALA A 54 23.84 23.19 15.31
CA ALA A 54 22.61 22.76 14.66
C ALA A 54 21.55 23.83 14.84
N TRP A 55 20.95 24.27 13.73
CA TRP A 55 19.98 25.35 13.76
C TRP A 55 18.67 24.91 13.11
N THR A 56 17.60 25.60 13.48
CA THR A 56 16.28 25.42 12.89
C THR A 56 15.79 26.79 12.42
N GLN A 57 15.52 26.89 11.12
CA GLN A 57 15.07 28.12 10.49
C GLN A 57 13.59 27.99 10.15
N SER A 58 12.78 28.98 10.52
CA SER A 58 11.34 28.97 10.30
C SER A 58 10.98 29.92 9.16
N TYR A 59 9.98 29.52 8.38
CA TYR A 59 9.39 30.34 7.33
C TYR A 59 7.88 30.22 7.43
N GLY A 60 7.17 31.32 7.15
CA GLY A 60 5.73 31.32 7.27
C GLY A 60 5.03 32.34 6.39
N TYR A 61 3.97 31.90 5.70
CA TYR A 61 3.22 32.73 4.78
C TYR A 61 1.74 32.37 4.88
N GLN A 62 0.91 33.20 4.26
CA GLN A 62 -0.53 32.98 4.24
C GLN A 62 -1.14 33.71 3.05
N THR A 63 -2.28 33.21 2.60
CA THR A 63 -3.11 33.86 1.58
C THR A 63 -4.56 33.69 2.00
N LYS A 64 -5.48 34.25 1.21
CA LYS A 64 -6.89 34.11 1.53
C LYS A 64 -7.38 32.67 1.38
N LYS A 65 -6.62 31.82 0.69
CA LYS A 65 -6.94 30.40 0.59
C LYS A 65 -6.05 29.52 1.44
N MET A 66 -4.82 29.96 1.72
CA MET A 66 -3.85 29.19 2.49
C MET A 66 -3.75 29.81 3.88
N ARG A 67 -4.33 29.13 4.88
CA ARG A 67 -4.23 29.60 6.25
C ARG A 67 -2.77 29.76 6.65
N GLN A 68 -1.95 28.75 6.38
CA GLN A 68 -0.55 28.79 6.78
C GLN A 68 0.26 27.93 5.81
N ILE A 69 1.29 28.54 5.23
CA ILE A 69 2.35 27.82 4.53
C ILE A 69 3.60 28.00 5.39
N ARG A 70 4.09 26.94 6.01
CA ARG A 70 5.20 27.11 6.93
C ARG A 70 6.21 25.99 6.75
N ALA A 71 7.48 26.33 6.98
CA ALA A 71 8.57 25.38 6.88
C ALA A 71 9.45 25.48 8.11
N ALA A 72 9.90 24.31 8.57
CA ALA A 72 11.02 24.20 9.50
C ALA A 72 12.16 23.54 8.73
N HIS A 73 13.28 24.24 8.63
CA HIS A 73 14.47 23.75 7.92
C HIS A 73 15.56 23.54 8.97
N VAL A 74 15.82 22.27 9.29
CA VAL A 74 16.75 21.89 10.34
C VAL A 74 18.06 21.44 9.71
N ASN A 75 19.17 21.95 10.21
CA ASN A 75 20.49 21.59 9.70
C ASN A 75 21.46 21.45 10.86
N GLY A 76 21.84 20.21 11.17
CA GLY A 76 22.88 19.95 12.13
C GLY A 76 23.99 19.11 11.52
N GLY A 77 24.38 19.47 10.30
CA GLY A 77 25.33 18.67 9.54
C GLY A 77 24.62 17.58 8.75
N ALA A 78 25.42 16.86 7.96
CA ALA A 78 24.86 15.82 7.09
C ALA A 78 24.01 14.82 7.88
N SER A 79 24.42 14.52 9.11
CA SER A 79 23.73 13.52 9.90
C SER A 79 22.39 13.99 10.46
N LEU A 80 22.03 15.26 10.29
CA LEU A 80 20.78 15.77 10.84
C LEU A 80 20.30 16.88 9.90
N GLN A 81 19.38 16.54 9.01
CA GLN A 81 18.79 17.52 8.09
C GLN A 81 17.31 17.24 7.98
N VAL A 82 16.51 18.29 7.99
CA VAL A 82 15.06 18.15 7.83
C VAL A 82 14.54 19.37 7.10
N LEU A 83 13.66 19.14 6.14
CA LEU A 83 12.79 20.18 5.60
C LEU A 83 11.36 19.70 5.80
N ASN A 84 10.64 20.38 6.70
CA ASN A 84 9.25 20.08 7.01
C ASN A 84 8.43 21.25 6.47
N LEU A 85 7.79 21.03 5.32
CA LEU A 85 7.05 22.07 4.62
C LEU A 85 5.61 21.61 4.44
N VAL A 86 4.67 22.39 4.95
CA VAL A 86 3.25 22.04 4.91
C VAL A 86 2.44 23.25 4.47
N PHE A 87 1.49 23.00 3.57
CA PHE A 87 0.49 23.98 3.16
C PHE A 87 -0.84 23.63 3.84
N PHE A 88 -1.35 24.55 4.64
CA PHE A 88 -2.60 24.36 5.38
C PHE A 88 -3.67 25.25 4.77
N PRO A 89 -4.69 24.70 4.11
CA PRO A 89 -5.75 25.57 3.56
C PRO A 89 -6.61 26.16 4.67
N HIS A 90 -7.22 27.31 4.35
CA HIS A 90 -8.29 27.81 5.19
C HIS A 90 -9.45 26.82 5.20
N MET A 91 -10.18 26.78 6.29
CA MET A 91 -11.18 25.73 6.46
C MET A 91 -12.51 26.05 5.80
N ASN A 92 -12.59 27.10 4.98
CA ASN A 92 -13.70 27.28 4.05
C ASN A 92 -13.38 26.73 2.67
N TYR A 93 -12.33 25.92 2.57
CA TYR A 93 -11.99 25.17 1.36
C TYR A 93 -11.83 23.70 1.74
N ASP A 94 -12.20 22.82 0.81
CA ASP A 94 -12.03 21.38 1.02
C ASP A 94 -10.71 20.87 0.45
N LEU A 95 -9.77 21.78 0.19
CA LEU A 95 -8.48 21.39 -0.35
C LEU A 95 -7.78 20.44 0.61
N PRO A 96 -6.99 19.49 0.10
CA PRO A 96 -6.15 18.69 0.97
C PRO A 96 -4.97 19.51 1.49
N PHE A 97 -4.30 18.97 2.48
CA PHE A 97 -3.02 19.52 2.90
C PHE A 97 -1.97 19.08 1.90
N LEU A 98 -0.91 19.89 1.77
CA LEU A 98 0.28 19.48 1.04
C LEU A 98 1.37 19.28 2.09
N GLY A 99 1.76 18.03 2.31
CA GLY A 99 2.75 17.70 3.30
C GLY A 99 4.03 17.19 2.67
N LEU A 100 5.13 17.87 2.97
CA LEU A 100 6.45 17.52 2.43
C LEU A 100 7.41 17.39 3.59
N ASP A 101 7.65 16.14 4.01
N ASP A 101 7.75 16.18 3.97
CA ASP A 101 8.56 15.81 5.10
CA ASP A 101 8.58 15.93 5.14
C ASP A 101 9.78 15.16 4.49
C ASP A 101 9.81 15.15 4.70
N LEU A 102 10.93 15.85 4.57
CA LEU A 102 12.18 15.30 4.05
C LEU A 102 13.17 15.23 5.19
N VAL A 103 13.54 14.01 5.58
CA VAL A 103 14.34 13.78 6.78
C VAL A 103 15.59 13.00 6.42
N THR A 104 16.75 13.48 6.84
CA THR A 104 18.02 12.80 6.64
C THR A 104 18.66 12.57 8.00
N LEU A 105 18.85 11.30 8.35
CA LEU A 105 19.40 10.90 9.63
C LEU A 105 20.63 10.03 9.38
N PRO A 106 21.39 9.67 10.42
CA PRO A 106 22.55 8.79 10.18
C PRO A 106 22.17 7.48 9.53
N GLY A 107 20.99 6.94 9.84
CA GLY A 107 20.53 5.69 9.27
C GLY A 107 19.98 5.78 7.86
N GLY A 108 19.86 6.97 7.29
CA GLY A 108 19.43 7.12 5.92
C GLY A 108 18.41 8.22 5.77
N HIS A 109 17.78 8.25 4.60
CA HIS A 109 16.81 9.29 4.25
C HIS A 109 15.40 8.77 4.45
N LEU A 110 14.51 9.66 4.90
CA LEU A 110 13.07 9.39 5.00
C LEU A 110 12.33 10.47 4.25
N ILE A 111 11.45 10.07 3.32
CA ILE A 111 10.78 11.02 2.44
C ILE A 111 9.29 10.73 2.46
N ALA A 112 8.50 11.72 2.86
CA ALA A 112 7.04 11.61 2.87
C ALA A 112 6.46 12.82 2.14
N ILE A 113 5.89 12.57 0.96
CA ILE A 113 5.31 13.61 0.13
C ILE A 113 3.88 13.19 -0.20
N ASP A 114 2.91 14.03 0.15
CA ASP A 114 1.52 13.68 -0.11
C ASP A 114 0.64 14.92 -0.09
N MET A 115 -0.50 14.80 -0.75
CA MET A 115 -1.62 15.74 -0.57
C MET A 115 -2.56 15.07 0.40
N GLN A 116 -2.31 15.27 1.68
CA GLN A 116 -3.02 14.55 2.72
C GLN A 116 -4.49 14.95 2.72
N PRO A 117 -5.42 14.00 2.57
CA PRO A 117 -6.81 14.37 2.28
C PRO A 117 -7.66 14.58 3.52
N LEU A 118 -8.65 15.48 3.38
CA LEU A 118 -9.64 15.66 4.43
C LEU A 118 -10.53 14.42 4.57
N PHE A 119 -10.92 13.82 3.45
CA PHE A 119 -11.85 12.70 3.44
C PHE A 119 -11.29 11.58 2.56
N GLN A 120 -11.77 10.37 2.82
CA GLN A 120 -11.39 9.18 2.06
C GLN A 120 -12.55 8.63 1.24
N THR A 121 -13.49 9.49 0.86
CA THR A 121 -14.64 9.07 0.08
C THR A 121 -14.27 8.93 -1.40
N GLU A 122 -15.10 8.17 -2.12
CA GLU A 122 -14.94 8.07 -3.56
C GLU A 122 -14.93 9.46 -4.19
N GLU A 123 -15.84 10.33 -3.75
CA GLU A 123 -15.98 11.64 -4.36
C GLU A 123 -14.72 12.48 -4.14
N TYR A 124 -14.17 12.46 -2.92
CA TYR A 124 -12.97 13.23 -2.64
C TYR A 124 -11.80 12.72 -3.46
N LYS A 125 -11.66 11.39 -3.56
CA LYS A 125 -10.58 10.80 -4.35
C LYS A 125 -10.70 11.17 -5.82
N LYS A 126 -11.91 11.14 -6.37
CA LYS A 126 -12.10 11.53 -7.76
C LYS A 126 -11.71 13.00 -7.97
N LYS A 127 -12.00 13.85 -6.98
CA LYS A 127 -11.77 15.28 -7.13
C LYS A 127 -10.29 15.63 -7.03
N TYR A 128 -9.57 14.99 -6.11
CA TYR A 128 -8.21 15.39 -5.79
C TYR A 128 -7.16 14.32 -6.03
N ALA A 129 -7.48 13.04 -5.89
CA ALA A 129 -6.46 12.00 -6.06
C ALA A 129 -6.35 11.55 -7.52
N GLU A 130 -7.49 11.28 -8.17
CA GLU A 130 -7.43 10.77 -9.54
C GLU A 130 -6.71 11.71 -10.49
N PRO A 131 -6.88 13.04 -10.42
CA PRO A 131 -6.13 13.92 -11.33
C PRO A 131 -4.63 13.91 -11.10
N CYS A 132 -4.16 13.30 -10.02
CA CYS A 132 -2.75 13.23 -9.70
C CYS A 132 -2.12 11.88 -10.02
N MET A 133 -2.89 10.95 -10.58
CA MET A 133 -2.44 9.56 -10.65
C MET A 133 -1.30 9.38 -11.64
N ASP A 134 -1.35 10.05 -12.80
CA ASP A 134 -0.24 9.97 -13.74
C ASP A 134 1.03 10.54 -13.12
N MET A 135 0.91 11.68 -12.44
CA MET A 135 2.06 12.24 -11.74
C MET A 135 2.59 11.27 -10.70
N TYR A 136 1.70 10.64 -9.93
CA TYR A 136 2.12 9.67 -8.92
C TYR A 136 2.85 8.50 -9.56
N GLN A 137 2.25 7.90 -10.58
CA GLN A 137 2.86 6.72 -11.20
C GLN A 137 4.17 7.05 -11.89
N LYS A 138 4.31 8.28 -12.41
CA LYS A 138 5.58 8.68 -12.99
C LYS A 138 6.70 8.66 -11.94
N HIS A 139 6.42 9.19 -10.76
CA HIS A 139 7.45 9.36 -9.74
C HIS A 139 7.66 8.13 -8.88
N VAL A 140 6.61 7.35 -8.62
CA VAL A 140 6.77 6.19 -7.75
C VAL A 140 7.71 5.16 -8.38
N LYS A 141 7.86 5.16 -9.70
CA LYS A 141 8.74 4.19 -10.35
C LYS A 141 10.18 4.31 -9.84
N ASN A 142 10.62 5.53 -9.51
CA ASN A 142 11.97 5.76 -9.02
C ASN A 142 12.02 6.04 -7.52
N LEU A 143 10.89 5.92 -6.82
CA LEU A 143 10.80 6.18 -5.39
C LEU A 143 10.01 5.04 -4.74
N PRO A 144 10.62 3.86 -4.61
CA PRO A 144 9.89 2.69 -4.11
C PRO A 144 9.35 2.89 -2.70
N TRP A 145 8.25 2.18 -2.41
CA TRP A 145 7.60 2.23 -1.11
C TRP A 145 8.61 2.10 0.02
N GLY A 146 8.46 2.96 1.03
CA GLY A 146 9.40 3.00 2.14
C GLY A 146 9.23 1.89 3.14
N GLY A 147 8.04 1.29 3.22
CA GLY A 147 7.82 0.15 4.08
C GLY A 147 6.88 0.39 5.24
N ASP A 148 7.22 -0.16 6.40
CA ASP A 148 6.32 -0.14 7.54
C ASP A 148 5.95 1.28 7.94
N PHE A 149 4.70 1.46 8.37
CA PHE A 149 4.12 2.77 8.55
C PHE A 149 3.14 2.77 9.73
N PRO A 150 3.19 3.77 10.61
CA PRO A 150 2.31 3.75 11.78
C PRO A 150 0.83 3.71 11.39
N GLU A 151 0.07 2.86 12.08
CA GLU A 151 -1.29 2.58 11.68
C GLU A 151 -2.18 3.81 11.76
N GLU A 152 -2.16 4.50 12.91
CA GLU A 152 -3.08 5.62 13.12
C GLU A 152 -2.91 6.69 12.05
N ALA A 153 -1.72 6.79 11.45
CA ALA A 153 -1.48 7.82 10.45
C ALA A 153 -2.11 7.50 9.10
N LYS A 154 -2.51 6.24 8.89
CA LYS A 154 -2.96 5.82 7.56
C LYS A 154 -4.14 6.65 7.08
N GLN A 155 -5.07 6.99 7.98
CA GLN A 155 -6.26 7.74 7.57
C GLN A 155 -5.93 9.10 6.97
N TYR A 156 -4.72 9.60 7.18
CA TYR A 156 -4.36 10.95 6.77
C TYR A 156 -3.57 10.99 5.47
N PHE A 157 -3.51 9.89 4.72
CA PHE A 157 -2.70 9.84 3.52
C PHE A 157 -3.56 9.40 2.34
N SER A 158 -3.23 9.92 1.17
CA SER A 158 -4.01 9.77 -0.04
C SER A 158 -3.45 8.65 -0.90
N PRO A 159 -4.16 8.29 -1.98
CA PRO A 159 -3.62 7.27 -2.90
C PRO A 159 -2.32 7.68 -3.58
N VAL A 160 -1.96 8.96 -3.61
CA VAL A 160 -0.74 9.40 -4.28
C VAL A 160 0.38 9.69 -3.28
N PHE A 161 0.25 9.16 -2.06
CA PHE A 161 1.28 9.26 -1.04
C PHE A 161 2.59 8.67 -1.55
N LEU A 162 3.64 9.49 -1.56
CA LEU A 162 4.99 9.02 -1.88
C LEU A 162 5.74 8.83 -0.55
N TRP A 163 6.00 7.58 -0.21
CA TRP A 163 6.67 7.21 1.03
C TRP A 163 7.85 6.33 0.62
N THR A 164 9.06 6.85 0.79
CA THR A 164 10.23 6.19 0.23
C THR A 164 11.45 6.49 1.09
N ARG A 165 12.42 5.57 1.05
CA ARG A 165 13.66 5.69 1.81
C ARG A 165 14.85 5.63 0.86
N PRO A 166 15.18 6.73 0.21
CA PRO A 166 16.38 6.73 -0.64
C PRO A 166 17.61 6.43 0.20
N GLN A 167 18.60 5.80 -0.43
CA GLN A 167 19.81 5.42 0.28
C GLN A 167 21.06 6.13 -0.23
N GLU A 168 20.95 6.98 -1.24
CA GLU A 168 22.07 7.80 -1.68
C GLU A 168 21.62 9.24 -1.83
N ASP A 169 22.53 10.17 -1.55
CA ASP A 169 22.26 11.58 -1.73
C ASP A 169 21.73 11.88 -3.13
N LYS A 170 22.35 11.28 -4.15
CA LYS A 170 22.00 11.59 -5.53
C LYS A 170 20.52 11.36 -5.80
N GLN A 171 19.94 10.32 -5.20
CA GLN A 171 18.52 10.02 -5.41
C GLN A 171 17.65 11.15 -4.85
N VAL A 172 18.05 11.72 -3.71
CA VAL A 172 17.34 12.87 -3.17
C VAL A 172 17.45 14.05 -4.12
N GLU A 173 18.67 14.35 -4.58
CA GLU A 173 18.91 15.51 -5.41
C GLU A 173 18.23 15.41 -6.77
N THR A 174 17.90 14.21 -7.22
CA THR A 174 17.29 14.03 -8.53
C THR A 174 15.83 13.58 -8.40
N TYR A 175 15.61 12.30 -8.10
CA TYR A 175 14.25 11.75 -8.12
C TYR A 175 13.34 12.44 -7.13
N VAL A 176 13.79 12.58 -5.87
CA VAL A 176 12.94 13.21 -4.86
C VAL A 176 12.69 14.67 -5.22
N PHE A 177 13.73 15.37 -5.66
CA PHE A 177 13.58 16.78 -6.01
C PHE A 177 12.53 16.97 -7.08
N GLU A 178 12.52 16.10 -8.09
CA GLU A 178 11.57 16.26 -9.19
C GLU A 178 10.13 16.02 -8.74
N ALA A 179 9.92 15.01 -7.88
CA ALA A 179 8.59 14.78 -7.32
C ALA A 179 8.16 15.94 -6.41
N PHE A 180 9.07 16.40 -5.56
CA PHE A 180 8.87 17.60 -4.76
C PHE A 180 8.32 18.73 -5.60
N LYS A 181 8.99 19.04 -6.72
CA LYS A 181 8.55 20.14 -7.58
C LYS A 181 7.18 19.87 -8.19
N ASP A 182 6.99 18.67 -8.74
CA ASP A 182 5.75 18.36 -9.43
C ASP A 182 4.56 18.43 -8.49
N TYR A 183 4.72 17.91 -7.27
CA TYR A 183 3.61 17.94 -6.32
C TYR A 183 3.28 19.37 -5.90
N ILE A 184 4.29 20.20 -5.66
CA ILE A 184 4.03 21.58 -5.29
C ILE A 184 3.28 22.30 -6.41
N ASN A 185 3.74 22.13 -7.66
CA ASN A 185 3.10 22.81 -8.77
C ASN A 185 1.67 22.32 -8.96
N LYS A 186 1.44 21.01 -8.86
CA LYS A 186 0.09 20.48 -8.98
C LYS A 186 -0.81 21.00 -7.87
N TYR A 187 -0.30 21.04 -6.64
CA TYR A 187 -1.10 21.53 -5.53
C TYR A 187 -1.53 22.97 -5.77
N LEU A 188 -0.60 23.83 -6.17
CA LEU A 188 -0.95 25.22 -6.40
C LEU A 188 -1.89 25.39 -7.58
N ASP A 189 -1.91 24.44 -8.53
CA ASP A 189 -2.97 24.42 -9.53
C ASP A 189 -4.33 24.21 -8.87
N PHE A 190 -4.42 23.21 -7.97
CA PHE A 190 -5.63 22.99 -7.20
C PHE A 190 -6.04 24.27 -6.45
N VAL A 191 -5.08 24.92 -5.80
CA VAL A 191 -5.39 26.11 -5.01
C VAL A 191 -5.98 27.19 -5.90
N GLU A 192 -5.37 27.42 -7.07
CA GLU A 192 -5.86 28.44 -7.99
C GLU A 192 -7.33 28.21 -8.32
N ALA A 193 -7.70 26.97 -8.60
CA ALA A 193 -9.05 26.64 -9.07
C ALA A 193 -10.05 26.47 -7.95
N ALA A 194 -9.59 26.34 -6.70
CA ALA A 194 -10.50 26.00 -5.60
C ALA A 194 -11.47 27.14 -5.34
N LYS A 195 -12.72 26.78 -5.04
CA LYS A 195 -13.73 27.76 -4.70
C LYS A 195 -14.18 27.54 -3.26
N PRO A 196 -14.60 28.61 -2.57
CA PRO A 196 -14.96 28.45 -1.15
C PRO A 196 -16.17 27.55 -0.97
N VAL A 197 -16.20 26.87 0.18
CA VAL A 197 -17.36 26.11 0.62
C VAL A 197 -18.22 27.03 1.47
N THR A 198 -19.52 27.06 1.17
CA THR A 198 -20.46 27.87 1.93
C THR A 198 -21.52 27.07 2.66
N ASP A 199 -21.72 25.81 2.32
CA ASP A 199 -22.67 24.97 3.03
C ASP A 199 -22.23 24.78 4.48
N PRO A 200 -23.01 25.23 5.47
CA PRO A 200 -22.55 25.09 6.87
C PRO A 200 -22.27 23.67 7.29
N ASP A 201 -23.02 22.70 6.77
CA ASP A 201 -22.77 21.30 7.14
C ASP A 201 -21.39 20.86 6.66
N HIS A 202 -21.07 21.16 5.40
CA HIS A 202 -19.76 20.80 4.85
C HIS A 202 -18.64 21.50 5.60
N LEU A 203 -18.85 22.78 5.94
CA LEU A 203 -17.85 23.52 6.70
C LEU A 203 -17.59 22.86 8.06
N ALA A 204 -18.65 22.39 8.72
CA ALA A 204 -18.47 21.74 10.01
C ALA A 204 -17.63 20.48 9.88
N ARG A 205 -17.84 19.70 8.82
CA ARG A 205 -17.05 18.48 8.63
C ARG A 205 -15.62 18.82 8.25
N ILE A 206 -15.41 19.83 7.40
CA ILE A 206 -14.05 20.26 7.09
C ILE A 206 -13.31 20.65 8.37
N ARG A 207 -13.99 21.40 9.24
CA ARG A 207 -13.37 21.80 10.50
C ARG A 207 -12.96 20.58 11.32
N GLU A 208 -13.80 19.55 11.37
CA GLU A 208 -13.50 18.37 12.17
C GLU A 208 -12.27 17.65 11.63
N ARG A 209 -12.21 17.45 10.31
N ARG A 209 -12.21 17.45 10.31
CA ARG A 209 -11.09 16.72 9.72
CA ARG A 209 -11.09 16.72 9.72
C ARG A 209 -9.79 17.50 9.84
C ARG A 209 -9.79 17.50 9.84
N GLN A 210 -9.84 18.82 9.68
CA GLN A 210 -8.63 19.63 9.85
C GLN A 210 -8.10 19.48 11.27
N LEU A 211 -8.98 19.62 12.27
CA LEU A 211 -8.55 19.50 13.65
C LEU A 211 -8.01 18.11 13.96
N SER A 212 -8.66 17.08 13.44
CA SER A 212 -8.18 15.71 13.67
C SER A 212 -6.75 15.56 13.17
N TYR A 213 -6.48 16.00 11.94
CA TYR A 213 -5.14 15.91 11.39
C TYR A 213 -4.15 16.73 12.20
N LEU A 214 -4.49 17.98 12.50
CA LEU A 214 -3.60 18.84 13.26
C LEU A 214 -3.31 18.25 14.64
N GLN A 215 -4.34 17.71 15.30
CA GLN A 215 -4.14 17.15 16.64
C GLN A 215 -3.23 15.93 16.59
N TYR A 216 -3.38 15.08 15.56
CA TYR A 216 -2.53 13.90 15.47
C TYR A 216 -1.06 14.28 15.34
N ARG A 217 -0.74 15.19 14.41
CA ARG A 217 0.65 15.52 14.17
C ARG A 217 1.25 16.30 15.34
N ALA A 218 0.45 17.16 15.99
CA ALA A 218 0.97 17.87 17.16
C ALA A 218 1.33 16.91 18.27
N GLU A 219 0.59 15.81 18.40
CA GLU A 219 0.80 14.86 19.50
C GLU A 219 1.74 13.74 19.11
N LYS A 220 1.80 13.36 17.84
CA LYS A 220 2.46 12.13 17.42
C LYS A 220 3.63 12.33 16.48
N ASP A 221 3.83 13.51 15.91
CA ASP A 221 4.85 13.65 14.89
C ASP A 221 6.22 13.33 15.48
N PRO A 222 7.04 12.52 14.79
CA PRO A 222 8.37 12.20 15.34
C PRO A 222 9.25 13.42 15.52
N ALA A 223 8.90 14.57 14.93
CA ALA A 223 9.66 15.79 15.15
C ALA A 223 9.72 16.13 16.64
N ARG A 224 8.67 15.80 17.40
N ARG A 224 8.67 15.80 17.38
CA ARG A 224 8.69 16.09 18.84
CA ARG A 224 8.64 16.03 18.83
C ARG A 224 9.92 15.46 19.49
C ARG A 224 9.87 15.45 19.51
N GLY A 225 10.13 14.17 19.27
CA GLY A 225 11.25 13.51 19.92
C GLY A 225 12.59 14.13 19.56
N MET A 226 12.75 14.51 18.29
N MET A 226 12.78 14.47 18.28
CA MET A 226 14.03 15.03 17.84
CA MET A 226 14.05 15.04 17.83
C MET A 226 14.26 16.45 18.35
C MET A 226 14.24 16.43 18.40
N PHE A 227 13.24 17.30 18.26
CA PHE A 227 13.37 18.66 18.77
C PHE A 227 13.64 18.66 20.28
N THR A 228 13.07 17.71 21.00
CA THR A 228 13.27 17.64 22.44
C THR A 228 14.73 17.37 22.78
N ARG A 229 15.32 16.35 22.14
CA ARG A 229 16.76 16.11 22.31
C ARG A 229 17.57 17.35 21.98
N MET A 230 17.21 18.04 20.90
CA MET A 230 18.02 19.15 20.41
C MET A 230 17.91 20.37 21.30
N TYR A 231 16.69 20.76 21.67
CA TYR A 231 16.45 22.04 22.30
C TYR A 231 15.69 21.96 23.62
N GLY A 232 15.28 20.77 24.05
CA GLY A 232 14.56 20.63 25.30
C GLY A 232 13.06 20.59 25.11
N PRO A 233 12.35 20.15 26.16
CA PRO A 233 10.89 19.99 26.04
C PRO A 233 10.11 21.28 25.95
N GLU A 234 10.54 22.33 26.67
CA GLU A 234 9.71 23.52 26.76
C GLU A 234 9.69 24.30 25.45
N TRP A 235 10.84 24.42 24.78
CA TRP A 235 10.85 25.06 23.46
C TRP A 235 10.09 24.21 22.44
N THR A 236 10.29 22.90 22.47
CA THR A 236 9.70 22.02 21.48
C THR A 236 8.18 22.13 21.48
N GLU A 237 7.55 22.02 22.66
CA GLU A 237 6.10 22.05 22.72
C GLU A 237 5.55 23.38 22.23
N ARG A 238 6.23 24.49 22.53
CA ARG A 238 5.82 25.78 22.03
C ARG A 238 5.92 25.85 20.52
N TYR A 239 7.02 25.31 19.96
CA TYR A 239 7.19 25.31 18.51
C TYR A 239 6.11 24.48 17.83
N ILE A 240 5.80 23.31 18.41
CA ILE A 240 4.85 22.40 17.78
C ILE A 240 3.43 22.95 17.89
N HIS A 241 2.99 23.26 19.11
CA HIS A 241 1.61 23.71 19.30
C HIS A 241 1.42 25.18 18.95
N GLY A 242 2.49 25.97 18.95
CA GLY A 242 2.38 27.40 18.69
C GLY A 242 2.70 27.83 17.27
N PHE A 243 3.28 26.93 16.47
CA PHE A 243 3.65 27.32 15.10
C PHE A 243 3.47 26.19 14.09
N LEU A 244 4.16 25.06 14.28
CA LEU A 244 4.15 24.01 13.27
C LEU A 244 2.76 23.43 13.05
N PHE A 245 2.01 23.22 14.14
CA PHE A 245 0.66 22.68 14.08
C PHE A 245 -0.20 23.48 15.06
N ASP A 246 -0.43 24.74 14.71
CA ASP A 246 -0.94 25.74 15.64
C ASP A 246 -2.45 26.00 15.51
N LEU A 247 -3.15 25.23 14.68
CA LEU A 247 -4.55 25.54 14.40
C LEU A 247 -5.37 25.61 15.69
N GLU A 248 -5.24 24.59 16.55
CA GLU A 248 -6.08 24.55 17.74
C GLU A 248 -5.86 25.77 18.62
N GLU A 249 -4.60 26.17 18.81
CA GLU A 249 -4.31 27.35 19.61
C GLU A 249 -4.96 28.59 18.99
N LYS A 250 -4.76 28.79 17.69
CA LYS A 250 -5.33 29.97 17.04
C LYS A 250 -6.85 29.96 17.11
N MET A 251 -7.47 28.78 17.05
CA MET A 251 -8.92 28.71 17.17
C MET A 251 -9.37 29.03 18.59
N GLU A 252 -8.79 28.36 19.58
CA GLU A 252 -9.22 28.53 20.96
C GLU A 252 -8.97 29.94 21.47
N SER A 253 -7.92 30.59 20.98
CA SER A 253 -7.58 31.95 21.41
C SER A 253 -8.42 33.02 20.71
N GLY A 254 -9.32 32.63 19.81
CA GLY A 254 -10.09 33.59 19.05
C GLY A 254 -9.34 34.28 17.93
N GLU A 255 -8.11 33.87 17.65
CA GLU A 255 -7.34 34.52 16.58
C GLU A 255 -7.80 34.05 15.20
N TYR A 256 -8.06 32.75 15.04
CA TYR A 256 -8.41 32.25 13.71
C TYR A 256 -9.84 32.62 13.35
N LYS A 257 -10.00 33.20 12.16
CA LYS A 257 -11.31 33.49 11.59
C LYS A 257 -11.33 32.91 10.19
N THR A 258 -12.31 32.05 9.93
CA THR A 258 -12.36 31.29 8.68
C THR A 258 -12.19 32.19 7.47
N GLY A 259 -11.16 31.89 6.67
CA GLY A 259 -10.91 32.62 5.44
C GLY A 259 -10.34 34.00 5.61
N GLU A 260 -9.91 34.36 6.82
CA GLU A 260 -9.33 35.66 7.09
C GLU A 260 -7.86 35.50 7.48
N LEU A 261 -7.05 36.48 7.09
CA LEU A 261 -5.64 36.45 7.40
C LEU A 261 -5.39 36.88 8.85
N LEU A 262 -4.35 36.30 9.45
CA LEU A 262 -3.86 36.80 10.72
C LEU A 262 -3.07 38.10 10.50
N PRO A 263 -3.27 39.11 11.33
CA PRO A 263 -2.47 40.33 11.20
C PRO A 263 -0.98 40.03 11.32
N CYS A 264 -0.20 40.59 10.40
CA CYS A 264 1.26 40.45 10.45
C CYS A 264 1.87 41.49 9.52
N SER A 265 2.75 42.33 10.07
CA SER A 265 3.42 43.37 9.30
C SER A 265 4.84 42.99 8.91
N ASP A 266 5.30 41.80 9.27
CA ASP A 266 6.65 41.39 8.94
C ASP A 266 6.82 41.33 7.42
N PRO A 267 7.86 41.93 6.85
CA PRO A 267 8.11 41.78 5.41
C PRO A 267 8.29 40.31 5.06
N LEU A 268 7.97 39.97 3.81
CA LEU A 268 8.18 38.62 3.34
C LEU A 268 9.66 38.25 3.46
N ASN A 269 9.93 37.04 3.97
CA ASN A 269 11.28 36.55 4.10
C ASN A 269 11.36 35.14 3.55
N PHE A 270 12.38 34.90 2.70
CA PHE A 270 12.59 33.59 2.08
C PHE A 270 13.99 33.05 2.33
N GLN A 271 14.80 33.73 3.13
CA GLN A 271 16.21 33.41 3.29
C GLN A 271 16.56 33.27 4.76
N PRO A 272 17.68 32.60 5.08
CA PRO A 272 18.05 32.42 6.48
C PRO A 272 18.20 33.75 7.20
N THR A 273 17.76 33.78 8.46
CA THR A 273 17.85 34.96 9.31
C THR A 273 18.85 34.68 10.42
N PRO A 274 20.13 35.06 10.26
CA PRO A 274 21.18 34.80 11.25
C PRO A 274 20.76 35.05 12.69
N SER B 7 17.93 -20.08 0.67
CA SER B 7 17.73 -20.79 -0.59
C SER B 7 16.32 -20.55 -1.14
N ASP B 8 16.18 -20.74 -2.46
CA ASP B 8 14.93 -20.49 -3.17
C ASP B 8 14.04 -21.72 -3.00
N ILE B 9 13.31 -21.76 -1.88
CA ILE B 9 12.73 -23.03 -1.44
C ILE B 9 11.55 -23.45 -2.30
N TYR B 10 10.84 -22.51 -2.93
CA TYR B 10 9.65 -22.87 -3.71
C TYR B 10 9.91 -22.91 -5.21
N LYS B 11 11.15 -22.67 -5.66
CA LYS B 11 11.42 -22.84 -7.07
C LYS B 11 11.16 -24.26 -7.53
N PRO B 12 11.56 -25.32 -6.80
CA PRO B 12 11.20 -26.67 -7.24
C PRO B 12 9.70 -26.91 -7.22
N PHE B 13 8.97 -26.24 -6.32
CA PHE B 13 7.51 -26.35 -6.30
C PHE B 13 6.90 -25.77 -7.56
N TRP B 14 7.26 -24.52 -7.89
CA TRP B 14 6.69 -23.90 -9.08
C TRP B 14 7.12 -24.63 -10.34
N GLU B 15 8.39 -25.02 -10.44
CA GLU B 15 8.85 -25.69 -11.64
C GLU B 15 8.08 -26.97 -11.87
N TRP B 16 7.81 -27.73 -10.80
CA TRP B 16 7.01 -28.94 -10.95
C TRP B 16 5.58 -28.61 -11.33
N ALA B 17 5.00 -27.59 -10.71
CA ALA B 17 3.62 -27.21 -11.03
C ALA B 17 3.50 -26.77 -12.49
N ALA B 18 4.45 -25.92 -12.93
CA ALA B 18 4.43 -25.47 -14.32
C ALA B 18 4.52 -26.65 -15.28
N LYS B 19 5.42 -27.60 -14.99
CA LYS B 19 5.57 -28.77 -15.85
C LYS B 19 4.28 -29.57 -15.90
N THR B 20 3.66 -29.79 -14.74
CA THR B 20 2.45 -30.59 -14.67
C THR B 20 1.27 -29.88 -15.34
N ILE B 21 1.15 -28.56 -15.13
CA ILE B 21 0.12 -27.79 -15.81
C ILE B 21 0.29 -27.89 -17.33
N LYS B 22 1.52 -27.77 -17.80
CA LYS B 22 1.76 -27.80 -19.24
C LYS B 22 1.46 -29.18 -19.82
N GLU B 23 1.84 -30.24 -19.11
N GLU B 23 1.86 -30.23 -19.12
CA GLU B 23 1.63 -31.60 -19.61
CA GLU B 23 1.63 -31.59 -19.60
C GLU B 23 0.15 -31.95 -19.62
C GLU B 23 0.15 -31.92 -19.63
N ARG B 24 -0.55 -31.67 -18.53
CA ARG B 24 -1.93 -32.14 -18.39
C ARG B 24 -2.98 -31.18 -18.95
N LEU B 25 -2.70 -29.88 -19.00
CA LEU B 25 -3.65 -28.91 -19.52
C LEU B 25 -3.17 -28.20 -20.78
N GLY B 26 -1.94 -28.44 -21.23
CA GLY B 26 -1.37 -27.73 -22.36
C GLY B 26 -2.30 -27.57 -23.55
N ASP B 27 -2.97 -28.64 -23.94
CA ASP B 27 -3.84 -28.60 -25.12
C ASP B 27 -5.04 -27.68 -24.93
N ASP B 28 -5.44 -27.42 -23.69
CA ASP B 28 -6.57 -26.54 -23.41
C ASP B 28 -6.15 -25.20 -22.85
N LEU B 29 -4.85 -24.98 -22.68
CA LEU B 29 -4.30 -23.89 -21.87
C LEU B 29 -3.94 -22.70 -22.75
N VAL B 30 -4.24 -21.50 -22.26
CA VAL B 30 -3.75 -20.26 -22.84
C VAL B 30 -3.42 -19.30 -21.71
N SER B 31 -2.64 -18.27 -22.04
CA SER B 31 -2.26 -17.25 -21.08
C SER B 31 -3.49 -16.53 -20.55
N TYR B 32 -3.41 -16.11 -19.29
CA TYR B 32 -4.38 -15.26 -18.63
C TYR B 32 -3.82 -13.84 -18.52
N PRO B 33 -4.62 -12.79 -18.71
CA PRO B 33 -4.04 -11.43 -18.70
C PRO B 33 -3.49 -11.04 -17.34
N ILE B 34 -2.23 -10.61 -17.34
CA ILE B 34 -1.56 -10.07 -16.16
C ILE B 34 -1.37 -8.57 -16.40
N PRO B 35 -2.02 -7.71 -15.61
CA PRO B 35 -1.93 -6.26 -15.88
C PRO B 35 -0.49 -5.77 -15.84
N ASP B 36 -0.20 -4.82 -16.72
CA ASP B 36 1.13 -4.23 -16.77
C ASP B 36 1.49 -3.64 -15.42
N GLY B 37 2.71 -3.91 -14.96
CA GLY B 37 3.17 -3.48 -13.67
C GLY B 37 2.92 -4.46 -12.55
N TYR B 38 2.30 -5.61 -12.84
CA TYR B 38 2.02 -6.64 -11.85
C TYR B 38 2.58 -8.00 -12.25
N LEU B 39 3.42 -8.04 -13.29
CA LEU B 39 4.07 -9.28 -13.71
C LEU B 39 5.25 -9.60 -12.80
N ARG B 40 6.10 -8.61 -12.55
CA ARG B 40 7.27 -8.79 -11.70
C ARG B 40 7.51 -7.48 -10.97
N LYS B 41 7.52 -7.54 -9.64
CA LYS B 41 7.64 -6.36 -8.79
C LYS B 41 8.83 -6.59 -7.87
N GLU B 42 9.81 -5.70 -7.93
CA GLU B 42 11.06 -5.89 -7.20
C GLU B 42 11.26 -4.76 -6.20
N ALA B 43 11.75 -5.09 -5.00
CA ALA B 43 12.01 -4.09 -3.99
C ALA B 43 12.88 -4.70 -2.90
N MET B 44 13.50 -3.82 -2.11
CA MET B 44 14.41 -4.24 -1.05
C MET B 44 13.66 -4.55 0.24
N VAL B 45 14.06 -5.62 0.91
CA VAL B 45 13.56 -5.89 2.27
C VAL B 45 14.74 -6.34 3.14
N SER B 52 18.33 -7.15 1.13
CA SER B 52 18.59 -7.66 -0.21
C SER B 52 17.36 -7.50 -1.10
N LEU B 53 17.54 -7.76 -2.39
CA LEU B 53 16.45 -7.62 -3.35
C LEU B 53 15.36 -8.65 -3.05
N ALA B 54 14.11 -8.19 -3.06
CA ALA B 54 12.96 -9.07 -3.04
C ALA B 54 12.16 -8.85 -4.31
N TRP B 55 11.44 -9.88 -4.74
CA TRP B 55 10.59 -9.75 -5.91
C TRP B 55 9.36 -10.63 -5.76
N THR B 56 8.32 -10.27 -6.51
CA THR B 56 7.11 -11.06 -6.67
C THR B 56 6.93 -11.36 -8.14
N GLN B 57 6.83 -12.65 -8.48
CA GLN B 57 6.61 -13.11 -9.84
C GLN B 57 5.18 -13.61 -9.97
N SER B 58 4.49 -13.16 -11.03
CA SER B 58 3.13 -13.58 -11.32
C SER B 58 3.11 -14.54 -12.49
N TYR B 59 2.22 -15.53 -12.40
CA TYR B 59 1.92 -16.47 -13.47
C TYR B 59 0.41 -16.61 -13.58
N GLY B 60 -0.07 -16.81 -14.82
CA GLY B 60 -1.49 -16.91 -15.04
C GLY B 60 -1.89 -17.66 -16.30
N TYR B 61 -2.88 -18.55 -16.18
CA TYR B 61 -3.38 -19.36 -17.29
C TYR B 61 -4.89 -19.50 -17.17
N GLN B 62 -5.51 -20.02 -18.23
CA GLN B 62 -6.95 -20.26 -18.23
C GLN B 62 -7.26 -21.39 -19.22
N THR B 63 -8.38 -22.08 -18.95
CA THR B 63 -8.93 -23.06 -19.86
C THR B 63 -10.46 -22.91 -19.83
N LYS B 64 -11.15 -23.71 -20.66
CA LYS B 64 -12.61 -23.64 -20.69
C LYS B 64 -13.22 -24.07 -19.36
N LYS B 65 -12.51 -24.87 -18.57
CA LYS B 65 -12.98 -25.28 -17.25
C LYS B 65 -12.36 -24.47 -16.12
N MET B 66 -11.13 -24.00 -16.30
CA MET B 66 -10.40 -23.26 -15.26
C MET B 66 -10.42 -21.78 -15.63
N ARG B 67 -11.28 -21.02 -14.94
CA ARG B 67 -11.34 -19.58 -15.17
C ARG B 67 -9.96 -18.94 -15.07
N GLN B 68 -9.22 -19.30 -14.03
CA GLN B 68 -7.91 -18.69 -13.80
C GLN B 68 -7.07 -19.66 -12.98
N ILE B 69 -5.89 -19.97 -13.48
CA ILE B 69 -4.86 -20.67 -12.71
C ILE B 69 -3.75 -19.65 -12.54
N ARG B 70 -3.51 -19.19 -11.32
CA ARG B 70 -2.54 -18.11 -11.15
C ARG B 70 -1.71 -18.35 -9.91
N ALA B 71 -0.48 -17.84 -9.95
CA ALA B 71 0.46 -17.96 -8.85
C ALA B 71 1.15 -16.63 -8.60
N ALA B 72 1.36 -16.34 -7.33
CA ALA B 72 2.28 -15.30 -6.88
C ALA B 72 3.42 -16.03 -6.18
N HIS B 73 4.63 -15.86 -6.71
CA HIS B 73 5.82 -16.48 -6.15
C HIS B 73 6.70 -15.36 -5.61
N VAL B 74 6.71 -15.21 -4.29
CA VAL B 74 7.45 -14.14 -3.63
C VAL B 74 8.77 -14.71 -3.12
N ASN B 75 9.86 -14.06 -3.50
CA ASN B 75 11.19 -14.40 -3.01
C ASN B 75 11.75 -13.15 -2.34
N GLY B 76 11.73 -13.13 -1.02
CA GLY B 76 12.29 -12.04 -0.25
C GLY B 76 13.47 -12.48 0.57
N GLY B 77 14.26 -13.40 0.01
CA GLY B 77 15.44 -13.92 0.69
C GLY B 77 15.15 -14.46 2.08
N ALA B 78 15.85 -13.93 3.08
CA ALA B 78 15.70 -14.43 4.44
C ALA B 78 14.41 -13.96 5.08
N SER B 79 13.85 -12.85 4.62
CA SER B 79 12.69 -12.28 5.28
C SER B 79 11.40 -13.00 4.93
N LEU B 80 11.28 -13.57 3.73
CA LEU B 80 9.99 -14.07 3.28
C LEU B 80 10.17 -14.86 2.00
N GLN B 81 9.49 -16.01 1.92
CA GLN B 81 9.29 -16.74 0.68
C GLN B 81 7.84 -17.22 0.65
N VAL B 82 7.17 -17.06 -0.48
CA VAL B 82 5.78 -17.48 -0.60
C VAL B 82 5.53 -18.05 -1.99
N LEU B 83 4.75 -19.13 -2.04
CA LEU B 83 4.08 -19.56 -3.27
C LEU B 83 2.59 -19.63 -2.97
N ASN B 84 1.82 -18.78 -3.62
CA ASN B 84 0.37 -18.75 -3.53
C ASN B 84 -0.15 -19.16 -4.90
N LEU B 85 -0.62 -20.40 -5.01
CA LEU B 85 -1.07 -20.97 -6.27
C LEU B 85 -2.52 -21.42 -6.10
N VAL B 86 -3.42 -20.88 -6.92
CA VAL B 86 -4.84 -21.20 -6.84
C VAL B 86 -5.37 -21.56 -8.22
N PHE B 87 -6.20 -22.60 -8.26
CA PHE B 87 -6.96 -22.97 -9.44
C PHE B 87 -8.42 -22.56 -9.21
N PHE B 88 -8.91 -21.62 -10.02
CA PHE B 88 -10.27 -21.12 -9.93
C PHE B 88 -11.10 -21.71 -11.05
N PRO B 89 -12.05 -22.61 -10.77
CA PRO B 89 -12.91 -23.13 -11.84
C PRO B 89 -13.83 -22.05 -12.39
N HIS B 90 -14.24 -22.24 -13.66
CA HIS B 90 -15.36 -21.47 -14.17
C HIS B 90 -16.62 -21.81 -13.39
N MET B 91 -17.52 -20.85 -13.26
CA MET B 91 -18.66 -21.04 -12.36
C MET B 91 -19.80 -21.81 -13.02
N ASN B 92 -19.60 -22.41 -14.18
CA ASN B 92 -20.49 -23.46 -14.66
C ASN B 92 -20.01 -24.84 -14.27
N TYR B 93 -19.08 -24.92 -13.31
CA TYR B 93 -18.64 -26.19 -12.74
C TYR B 93 -18.75 -26.09 -11.23
N ASP B 94 -19.11 -27.20 -10.58
CA ASP B 94 -19.18 -27.23 -9.13
C ASP B 94 -17.87 -27.70 -8.50
N LEU B 95 -16.80 -27.73 -9.29
CA LEU B 95 -15.49 -28.11 -8.79
C LEU B 95 -15.08 -27.23 -7.59
N PRO B 96 -14.39 -27.79 -6.61
CA PRO B 96 -13.78 -26.95 -5.58
C PRO B 96 -12.61 -26.18 -6.17
N PHE B 97 -12.18 -25.17 -5.42
CA PHE B 97 -10.92 -24.51 -5.72
C PHE B 97 -9.78 -25.42 -5.27
N LEU B 98 -8.63 -25.28 -5.93
CA LEU B 98 -7.40 -25.86 -5.40
C LEU B 98 -6.57 -24.69 -4.88
N GLY B 99 -6.43 -24.62 -3.55
CA GLY B 99 -5.70 -23.55 -2.90
C GLY B 99 -4.44 -24.06 -2.25
N LEU B 100 -3.30 -23.49 -2.65
CA LEU B 100 -2.00 -23.91 -2.17
C LEU B 100 -1.27 -22.65 -1.69
N ASP B 101 -1.20 -22.48 -0.37
N ASP B 101 -1.16 -22.49 -0.37
N ASP B 101 -1.20 -22.48 -0.36
CA ASP B 101 -0.52 -21.33 0.25
CA ASP B 101 -0.53 -21.33 0.25
CA ASP B 101 -0.53 -21.34 0.26
C ASP B 101 0.66 -21.85 1.04
C ASP B 101 0.66 -21.83 1.06
C ASP B 101 0.66 -21.87 1.04
N LEU B 102 1.86 -21.56 0.57
CA LEU B 102 3.10 -21.99 1.20
C LEU B 102 3.87 -20.73 1.61
N VAL B 103 3.93 -20.48 2.92
CA VAL B 103 4.46 -19.24 3.45
C VAL B 103 5.66 -19.55 4.34
N THR B 104 6.79 -18.92 4.05
CA THR B 104 8.02 -19.10 4.82
C THR B 104 8.40 -17.76 5.44
N LEU B 105 8.51 -17.75 6.76
CA LEU B 105 8.84 -16.56 7.53
C LEU B 105 10.04 -16.86 8.40
N PRO B 106 10.63 -15.85 9.04
CA PRO B 106 11.83 -16.10 9.85
C PRO B 106 11.64 -17.17 10.92
N GLY B 107 10.47 -17.19 11.57
CA GLY B 107 10.25 -18.16 12.63
C GLY B 107 10.02 -19.57 12.12
N GLY B 108 9.49 -19.70 10.92
CA GLY B 108 9.19 -21.01 10.38
C GLY B 108 8.17 -20.90 9.27
N HIS B 109 7.59 -22.04 8.91
CA HIS B 109 6.73 -22.14 7.75
C HIS B 109 5.27 -22.29 8.16
N LEU B 110 4.40 -22.00 7.19
CA LEU B 110 2.95 -22.07 7.36
C LEU B 110 2.42 -22.57 6.02
N ILE B 111 1.67 -23.68 6.07
CA ILE B 111 1.33 -24.46 4.89
C ILE B 111 -0.16 -24.73 4.88
N ALA B 112 -0.85 -24.28 3.83
CA ALA B 112 -2.27 -24.54 3.65
C ALA B 112 -2.47 -25.18 2.28
N ILE B 113 -2.92 -26.43 2.27
CA ILE B 113 -3.15 -27.19 1.04
C ILE B 113 -4.54 -27.81 1.15
N ASP B 114 -5.42 -27.49 0.20
CA ASP B 114 -6.79 -27.98 0.27
C ASP B 114 -7.46 -27.88 -1.10
N MET B 115 -8.49 -28.70 -1.27
CA MET B 115 -9.48 -28.50 -2.34
C MET B 115 -10.65 -27.79 -1.65
N GLN B 116 -10.61 -26.46 -1.70
CA GLN B 116 -11.52 -25.65 -0.92
C GLN B 116 -12.93 -25.75 -1.50
N PRO B 117 -13.91 -26.23 -0.72
CA PRO B 117 -15.18 -26.63 -1.31
C PRO B 117 -16.17 -25.48 -1.45
N LEU B 118 -17.00 -25.59 -2.48
CA LEU B 118 -18.11 -24.64 -2.62
C LEU B 118 -19.16 -24.86 -1.52
N PHE B 119 -19.39 -26.12 -1.16
CA PHE B 119 -20.45 -26.49 -0.24
C PHE B 119 -19.93 -27.41 0.84
N GLN B 120 -20.64 -27.42 1.98
CA GLN B 120 -20.31 -28.25 3.11
C GLN B 120 -21.36 -29.33 3.36
N THR B 121 -22.14 -29.67 2.35
CA THR B 121 -23.17 -30.69 2.48
C THR B 121 -22.56 -32.09 2.41
N GLU B 122 -23.31 -33.06 2.94
CA GLU B 122 -22.89 -34.45 2.87
C GLU B 122 -22.69 -34.88 1.41
N GLU B 123 -23.57 -34.42 0.53
CA GLU B 123 -23.47 -34.78 -0.88
C GLU B 123 -22.17 -34.27 -1.50
N TYR B 124 -21.81 -33.03 -1.18
CA TYR B 124 -20.61 -32.45 -1.76
C TYR B 124 -19.36 -33.12 -1.21
N LYS B 125 -19.32 -33.37 0.11
CA LYS B 125 -18.18 -34.09 0.68
C LYS B 125 -18.07 -35.47 0.07
N LYS B 126 -19.20 -36.16 -0.14
CA LYS B 126 -19.15 -37.46 -0.76
C LYS B 126 -18.56 -37.39 -2.16
N LYS B 127 -18.88 -36.33 -2.89
CA LYS B 127 -18.43 -36.20 -4.28
C LYS B 127 -16.94 -35.92 -4.35
N TYR B 128 -16.46 -34.98 -3.54
CA TYR B 128 -15.10 -34.48 -3.68
C TYR B 128 -14.17 -34.82 -2.52
N ALA B 129 -14.67 -34.88 -1.28
CA ALA B 129 -13.77 -35.12 -0.16
C ALA B 129 -13.47 -36.61 0.02
N GLU B 130 -14.48 -37.46 -0.07
CA GLU B 130 -14.25 -38.88 0.24
C GLU B 130 -13.24 -39.54 -0.70
N PRO B 131 -13.23 -39.25 -2.01
CA PRO B 131 -12.19 -39.84 -2.87
C PRO B 131 -10.77 -39.43 -2.50
N CYS B 132 -10.61 -38.35 -1.72
CA CYS B 132 -9.31 -37.84 -1.34
C CYS B 132 -8.89 -38.25 0.07
N MET B 133 -9.72 -39.03 0.77
CA MET B 133 -9.45 -39.30 2.18
C MET B 133 -8.19 -40.17 2.34
N ASP B 134 -8.02 -41.18 1.49
CA ASP B 134 -6.80 -41.98 1.55
C ASP B 134 -5.57 -41.10 1.35
N MET B 135 -5.62 -40.22 0.34
CA MET B 135 -4.51 -39.29 0.12
C MET B 135 -4.30 -38.40 1.32
N TYR B 136 -5.39 -37.91 1.92
CA TYR B 136 -5.27 -37.04 3.09
C TYR B 136 -4.61 -37.76 4.25
N GLN B 137 -5.09 -38.97 4.55
CA GLN B 137 -4.55 -39.70 5.69
C GLN B 137 -3.07 -40.02 5.49
N LYS B 138 -2.65 -40.25 4.24
CA LYS B 138 -1.25 -40.56 3.98
C LYS B 138 -0.34 -39.36 4.28
N HIS B 139 -0.81 -38.15 4.02
CA HIS B 139 0.04 -36.98 4.17
C HIS B 139 -0.08 -36.31 5.52
N VAL B 140 -1.25 -36.38 6.16
CA VAL B 140 -1.42 -35.72 7.44
C VAL B 140 -0.58 -36.40 8.53
N LYS B 141 -0.19 -37.66 8.32
CA LYS B 141 0.67 -38.35 9.29
C LYS B 141 1.87 -37.50 9.67
N ASN B 142 2.53 -36.91 8.68
CA ASN B 142 3.76 -36.16 8.90
C ASN B 142 3.56 -34.65 8.74
N LEU B 143 2.31 -34.19 8.67
CA LEU B 143 1.98 -32.77 8.56
C LEU B 143 0.90 -32.45 9.60
N PRO B 144 1.27 -32.45 10.87
CA PRO B 144 0.26 -32.31 11.92
C PRO B 144 -0.38 -30.93 11.97
N TRP B 145 -1.56 -30.88 12.58
CA TRP B 145 -2.40 -29.70 12.60
C TRP B 145 -1.66 -28.48 13.13
N GLY B 146 -1.74 -27.37 12.39
CA GLY B 146 -0.96 -26.19 12.70
C GLY B 146 -1.51 -25.33 13.81
N GLY B 147 -2.82 -25.39 14.05
CA GLY B 147 -3.42 -24.65 15.13
C GLY B 147 -3.69 -23.19 14.81
N ASP B 148 -4.39 -22.54 15.74
CA ASP B 148 -4.77 -21.13 15.66
C ASP B 148 -5.37 -20.79 14.29
N PHE B 149 -6.34 -21.58 13.87
CA PHE B 149 -6.92 -21.30 12.57
C PHE B 149 -8.03 -20.25 12.70
N PRO B 150 -8.08 -19.26 11.80
CA PRO B 150 -9.14 -18.23 11.92
C PRO B 150 -10.52 -18.84 11.74
N GLU B 151 -11.36 -18.68 12.76
CA GLU B 151 -12.68 -19.28 12.76
C GLU B 151 -13.50 -18.84 11.55
N GLU B 152 -13.44 -17.55 11.21
CA GLU B 152 -14.28 -17.01 10.15
C GLU B 152 -14.00 -17.65 8.79
N ALA B 153 -12.84 -18.29 8.63
CA ALA B 153 -12.46 -18.85 7.34
C ALA B 153 -12.77 -20.34 7.22
N LYS B 154 -13.27 -20.98 8.28
CA LYS B 154 -13.39 -22.43 8.27
C LYS B 154 -14.37 -22.93 7.22
N GLN B 155 -15.36 -22.12 6.86
CA GLN B 155 -16.36 -22.54 5.88
C GLN B 155 -15.73 -22.79 4.51
N TYR B 156 -14.51 -22.31 4.27
CA TYR B 156 -13.88 -22.41 2.97
C TYR B 156 -12.93 -23.59 2.85
N PHE B 157 -12.95 -24.52 3.80
CA PHE B 157 -12.00 -25.63 3.81
C PHE B 157 -12.72 -26.95 4.02
N SER B 158 -12.13 -28.00 3.44
CA SER B 158 -12.74 -29.32 3.33
C SER B 158 -12.20 -30.27 4.38
N PRO B 159 -12.76 -31.48 4.45
CA PRO B 159 -12.21 -32.48 5.39
C PRO B 159 -10.80 -32.94 5.09
N VAL B 160 -10.26 -32.65 3.90
CA VAL B 160 -8.91 -33.06 3.56
C VAL B 160 -7.94 -31.86 3.56
N PHE B 161 -8.31 -30.80 4.28
CA PHE B 161 -7.46 -29.62 4.45
C PHE B 161 -6.19 -29.99 5.22
N LEU B 162 -5.04 -29.71 4.60
CA LEU B 162 -3.75 -29.84 5.27
C LEU B 162 -3.33 -28.46 5.76
N TRP B 163 -3.24 -28.31 7.07
CA TRP B 163 -2.83 -27.07 7.73
C TRP B 163 -1.75 -27.42 8.72
N THR B 164 -0.53 -26.95 8.48
CA THR B 164 0.61 -27.37 9.27
C THR B 164 1.65 -26.26 9.28
N ARG B 165 2.49 -26.27 10.33
CA ARG B 165 3.50 -25.24 10.57
C ARG B 165 4.85 -25.89 10.84
N PRO B 166 5.50 -26.44 9.81
CA PRO B 166 6.82 -27.04 10.02
C PRO B 166 7.88 -25.97 10.30
N GLN B 167 8.79 -26.30 11.24
CA GLN B 167 9.88 -25.39 11.55
C GLN B 167 11.00 -25.45 10.51
N GLU B 168 11.25 -26.63 9.95
CA GLU B 168 12.46 -26.89 9.19
C GLU B 168 12.19 -26.92 7.69
N ASP B 169 13.14 -26.38 6.92
CA ASP B 169 13.03 -26.40 5.47
C ASP B 169 12.95 -27.82 4.93
N LYS B 170 13.68 -28.76 5.56
CA LYS B 170 13.70 -30.13 5.07
C LYS B 170 12.29 -30.72 5.04
N GLN B 171 11.47 -30.41 6.03
CA GLN B 171 10.11 -30.92 6.04
C GLN B 171 9.30 -30.35 4.89
N VAL B 172 9.56 -29.10 4.51
CA VAL B 172 8.88 -28.51 3.37
C VAL B 172 9.35 -29.18 2.08
N GLU B 173 10.67 -29.39 1.95
CA GLU B 173 11.22 -29.95 0.73
C GLU B 173 10.79 -31.38 0.48
N THR B 174 10.40 -32.11 1.54
CA THR B 174 10.03 -33.51 1.39
C THR B 174 8.53 -33.71 1.61
N TYR B 175 8.09 -33.73 2.87
CA TYR B 175 6.70 -34.07 3.17
C TYR B 175 5.73 -33.12 2.45
N VAL B 176 5.95 -31.81 2.58
CA VAL B 176 5.04 -30.85 1.97
C VAL B 176 5.06 -31.00 0.45
N PHE B 177 6.25 -31.09 -0.13
CA PHE B 177 6.37 -31.22 -1.58
C PHE B 177 5.56 -32.40 -2.10
N GLU B 178 5.62 -33.53 -1.40
CA GLU B 178 4.92 -34.72 -1.88
C GLU B 178 3.40 -34.54 -1.78
N ALA B 179 2.92 -33.90 -0.72
CA ALA B 179 1.49 -33.61 -0.62
C ALA B 179 1.06 -32.61 -1.70
N PHE B 180 1.87 -31.55 -1.88
CA PHE B 180 1.67 -30.60 -2.97
C PHE B 180 1.45 -31.32 -4.30
N LYS B 181 2.32 -32.27 -4.62
CA LYS B 181 2.22 -32.96 -5.91
C LYS B 181 0.96 -33.82 -5.98
N ASP B 182 0.68 -34.60 -4.93
CA ASP B 182 -0.48 -35.49 -4.96
C ASP B 182 -1.78 -34.71 -5.06
N TYR B 183 -1.89 -33.61 -4.32
CA TYR B 183 -3.13 -32.83 -4.35
C TYR B 183 -3.35 -32.21 -5.74
N ILE B 184 -2.29 -31.73 -6.38
CA ILE B 184 -2.44 -31.16 -7.72
C ILE B 184 -2.87 -32.24 -8.71
N ASN B 185 -2.21 -33.40 -8.67
CA ASN B 185 -2.57 -34.46 -9.60
C ASN B 185 -4.01 -34.93 -9.37
N LYS B 186 -4.41 -35.13 -8.11
CA LYS B 186 -5.77 -35.58 -7.84
C LYS B 186 -6.78 -34.53 -8.28
N TYR B 187 -6.50 -33.25 -8.03
CA TYR B 187 -7.41 -32.19 -8.46
C TYR B 187 -7.59 -32.21 -9.97
N LEU B 188 -6.48 -32.33 -10.71
CA LEU B 188 -6.58 -32.33 -12.16
C LEU B 188 -7.31 -33.56 -12.68
N ASP B 189 -7.29 -34.66 -11.93
CA ASP B 189 -8.16 -35.79 -12.25
C ASP B 189 -9.62 -35.37 -12.19
N PHE B 190 -10.01 -34.67 -11.12
CA PHE B 190 -11.37 -34.14 -11.02
C PHE B 190 -11.70 -33.23 -12.19
N VAL B 191 -10.77 -32.32 -12.52
CA VAL B 191 -11.04 -31.36 -13.59
C VAL B 191 -11.30 -32.07 -14.91
N GLU B 192 -10.48 -33.08 -15.23
CA GLU B 192 -10.67 -33.84 -16.46
C GLU B 192 -12.08 -34.44 -16.53
N ALA B 193 -12.54 -35.00 -15.43
CA ALA B 193 -13.83 -35.68 -15.43
C ALA B 193 -15.01 -34.75 -15.26
N ALA B 194 -14.78 -33.50 -14.84
CA ALA B 194 -15.89 -32.61 -14.51
C ALA B 194 -16.76 -32.33 -15.72
N LYS B 195 -18.07 -32.26 -15.49
CA LYS B 195 -19.04 -31.89 -16.51
C LYS B 195 -19.74 -30.60 -16.10
N PRO B 196 -20.14 -29.77 -17.07
CA PRO B 196 -20.72 -28.47 -16.72
C PRO B 196 -22.07 -28.61 -16.03
N VAL B 197 -22.37 -27.61 -15.22
CA VAL B 197 -23.67 -27.50 -14.57
C VAL B 197 -24.56 -26.63 -15.45
N THR B 198 -25.79 -27.08 -15.68
CA THR B 198 -26.74 -26.32 -16.47
C THR B 198 -27.98 -25.89 -15.70
N ASP B 199 -28.26 -26.51 -14.56
CA ASP B 199 -29.45 -26.12 -13.79
C ASP B 199 -29.30 -24.70 -13.27
N PRO B 200 -30.19 -23.77 -13.63
CA PRO B 200 -30.03 -22.39 -13.17
C PRO B 200 -29.98 -22.25 -11.66
N ASP B 201 -30.73 -23.08 -10.92
CA ASP B 201 -30.70 -22.99 -9.46
C ASP B 201 -29.32 -23.35 -8.94
N HIS B 202 -28.74 -24.44 -9.46
CA HIS B 202 -27.40 -24.83 -9.05
C HIS B 202 -26.38 -23.77 -9.44
N LEU B 203 -26.53 -23.19 -10.64
CA LEU B 203 -25.62 -22.15 -11.09
C LEU B 203 -25.66 -20.94 -10.18
N ALA B 204 -26.86 -20.56 -9.71
CA ALA B 204 -26.97 -19.41 -8.82
C ALA B 204 -26.20 -19.66 -7.53
N ARG B 205 -26.27 -20.87 -6.98
CA ARG B 205 -25.60 -21.17 -5.72
C ARG B 205 -24.09 -21.24 -5.92
N ILE B 206 -23.64 -21.83 -7.03
CA ILE B 206 -22.21 -21.88 -7.32
C ILE B 206 -21.64 -20.48 -7.38
N ARG B 207 -22.34 -19.56 -8.06
CA ARG B 207 -21.88 -18.18 -8.15
C ARG B 207 -21.78 -17.54 -6.77
N GLU B 208 -22.77 -17.78 -5.91
CA GLU B 208 -22.74 -17.20 -4.57
C GLU B 208 -21.57 -17.72 -3.77
N ARG B 209 -21.28 -19.02 -3.86
CA ARG B 209 -20.19 -19.59 -3.08
C ARG B 209 -18.84 -19.13 -3.61
N GLN B 210 -18.69 -19.00 -4.93
CA GLN B 210 -17.42 -18.51 -5.46
C GLN B 210 -17.16 -17.08 -5.00
N LEU B 211 -18.19 -16.23 -5.04
CA LEU B 211 -18.00 -14.83 -4.65
C LEU B 211 -17.70 -14.71 -3.17
N SER B 212 -18.33 -15.56 -2.35
CA SER B 212 -18.05 -15.55 -0.91
C SER B 212 -16.57 -15.82 -0.65
N TYR B 213 -16.01 -16.84 -1.31
CA TYR B 213 -14.60 -17.17 -1.14
C TYR B 213 -13.72 -16.03 -1.67
N LEU B 214 -13.95 -15.61 -2.92
CA LEU B 214 -13.15 -14.55 -3.50
C LEU B 214 -13.20 -13.29 -2.63
N GLN B 215 -14.39 -12.91 -2.18
CA GLN B 215 -14.54 -11.70 -1.39
C GLN B 215 -13.82 -11.82 -0.05
N TYR B 216 -13.89 -12.99 0.58
CA TYR B 216 -13.19 -13.17 1.86
C TYR B 216 -11.70 -12.99 1.69
N ARG B 217 -11.11 -13.68 0.71
CA ARG B 217 -9.65 -13.60 0.55
C ARG B 217 -9.23 -12.21 0.08
N ALA B 218 -9.99 -11.60 -0.83
CA ALA B 218 -9.65 -10.26 -1.29
C ALA B 218 -9.57 -9.27 -0.14
N GLU B 219 -10.40 -9.46 0.88
CA GLU B 219 -10.51 -8.51 1.98
C GLU B 219 -9.63 -8.89 3.16
N LYS B 220 -9.52 -10.18 3.48
CA LYS B 220 -8.94 -10.61 4.75
C LYS B 220 -7.75 -11.54 4.63
N ASP B 221 -7.29 -11.87 3.44
CA ASP B 221 -6.14 -12.75 3.32
C ASP B 221 -4.90 -12.02 3.85
N PRO B 222 -4.09 -12.66 4.69
CA PRO B 222 -2.90 -11.96 5.21
C PRO B 222 -1.94 -11.50 4.13
N ALA B 223 -2.06 -11.99 2.90
CA ALA B 223 -1.24 -11.48 1.81
C ALA B 223 -1.43 -9.98 1.64
N ARG B 224 -2.65 -9.50 1.87
CA ARG B 224 -2.93 -8.08 1.75
C ARG B 224 -2.00 -7.26 2.65
N GLY B 225 -1.91 -7.64 3.92
CA GLY B 225 -1.06 -6.90 4.84
C GLY B 225 0.40 -6.95 4.44
N MET B 226 0.89 -8.12 4.03
CA MET B 226 2.31 -8.27 3.74
C MET B 226 2.69 -7.55 2.46
N PHE B 227 1.87 -7.68 1.41
CA PHE B 227 2.15 -6.92 0.18
C PHE B 227 2.12 -5.42 0.45
N THR B 228 1.24 -4.98 1.34
CA THR B 228 1.18 -3.55 1.68
C THR B 228 2.48 -3.09 2.32
N ARG B 229 3.05 -3.91 3.22
CA ARG B 229 4.34 -3.60 3.82
C ARG B 229 5.43 -3.51 2.76
N MET B 230 5.42 -4.43 1.79
CA MET B 230 6.48 -4.51 0.80
C MET B 230 6.35 -3.42 -0.27
N TYR B 231 5.13 -3.22 -0.78
CA TYR B 231 4.91 -2.43 -1.98
C TYR B 231 3.97 -1.25 -1.80
N GLY B 232 3.31 -1.14 -0.65
CA GLY B 232 2.35 -0.07 -0.44
C GLY B 232 0.92 -0.51 -0.73
N PRO B 233 -0.05 0.26 -0.20
CA PRO B 233 -1.45 -0.21 -0.31
C PRO B 233 -2.02 -0.07 -1.72
N GLU B 234 -1.64 0.97 -2.47
CA GLU B 234 -2.29 1.20 -3.76
C GLU B 234 -1.93 0.12 -4.76
N TRP B 235 -0.65 -0.24 -4.85
CA TRP B 235 -0.28 -1.38 -5.68
C TRP B 235 -0.94 -2.66 -5.19
N THR B 236 -0.94 -2.88 -3.88
CA THR B 236 -1.46 -4.13 -3.34
C THR B 236 -2.94 -4.30 -3.66
N GLU B 237 -3.73 -3.24 -3.49
CA GLU B 237 -5.16 -3.34 -3.78
C GLU B 237 -5.41 -3.66 -5.25
N ARG B 238 -4.60 -3.10 -6.15
CA ARG B 238 -4.75 -3.41 -7.57
C ARG B 238 -4.28 -4.82 -7.88
N TYR B 239 -3.25 -5.30 -7.20
CA TYR B 239 -2.81 -6.68 -7.40
C TYR B 239 -3.87 -7.67 -6.92
N ILE B 240 -4.53 -7.34 -5.81
CA ILE B 240 -5.55 -8.23 -5.25
C ILE B 240 -6.78 -8.26 -6.15
N HIS B 241 -7.36 -7.10 -6.43
CA HIS B 241 -8.61 -7.04 -7.17
C HIS B 241 -8.41 -7.12 -8.67
N GLY B 242 -7.20 -6.86 -9.16
CA GLY B 242 -6.92 -6.96 -10.58
C GLY B 242 -6.36 -8.28 -11.03
N PHE B 243 -5.92 -9.13 -10.10
CA PHE B 243 -5.27 -10.37 -10.48
C PHE B 243 -5.43 -11.51 -9.47
N LEU B 244 -4.99 -11.32 -8.22
CA LEU B 244 -4.95 -12.44 -7.28
C LEU B 244 -6.35 -12.95 -6.97
N PHE B 245 -7.30 -12.05 -6.73
CA PHE B 245 -8.68 -12.41 -6.41
C PHE B 245 -9.57 -11.46 -7.22
N ASP B 246 -9.61 -11.67 -8.53
CA ASP B 246 -10.11 -10.66 -9.47
C ASP B 246 -11.52 -10.94 -9.95
N LEU B 247 -12.19 -11.97 -9.43
CA LEU B 247 -13.48 -12.37 -9.99
C LEU B 247 -14.50 -11.24 -9.87
N GLU B 248 -14.61 -10.62 -8.69
CA GLU B 248 -15.63 -9.59 -8.50
C GLU B 248 -15.44 -8.44 -9.47
N GLU B 249 -14.21 -7.95 -9.61
CA GLU B 249 -13.94 -6.84 -10.51
C GLU B 249 -14.30 -7.18 -11.95
N LYS B 250 -13.93 -8.38 -12.41
CA LYS B 250 -14.20 -8.74 -13.79
C LYS B 250 -15.66 -9.08 -14.04
N MET B 251 -16.42 -9.43 -13.00
CA MET B 251 -17.87 -9.57 -13.16
C MET B 251 -18.53 -8.21 -13.25
N GLU B 252 -18.17 -7.28 -12.36
CA GLU B 252 -18.81 -5.98 -12.35
C GLU B 252 -18.59 -5.24 -13.66
N SER B 253 -17.40 -5.39 -14.25
CA SER B 253 -17.09 -4.74 -15.52
C SER B 253 -17.76 -5.40 -16.72
N GLY B 254 -18.32 -6.59 -16.54
CA GLY B 254 -18.85 -7.35 -17.66
C GLY B 254 -17.81 -8.12 -18.44
N GLU B 255 -16.56 -8.13 -17.97
CA GLU B 255 -15.50 -8.86 -18.65
C GLU B 255 -15.65 -10.37 -18.49
N TYR B 256 -16.14 -10.83 -17.33
CA TYR B 256 -16.29 -12.27 -17.12
C TYR B 256 -17.54 -12.79 -17.82
N LYS B 257 -17.38 -13.89 -18.54
CA LYS B 257 -18.49 -14.62 -19.16
C LYS B 257 -18.32 -16.09 -18.81
N THR B 258 -19.34 -16.68 -18.20
CA THR B 258 -19.24 -18.03 -17.68
C THR B 258 -18.77 -19.00 -18.76
N GLY B 259 -17.68 -19.70 -18.47
CA GLY B 259 -17.18 -20.74 -19.34
C GLY B 259 -16.48 -20.28 -20.59
N GLU B 260 -16.17 -19.00 -20.73
CA GLU B 260 -15.46 -18.49 -21.89
C GLU B 260 -14.12 -17.91 -21.48
N LEU B 261 -13.16 -17.98 -22.39
CA LEU B 261 -11.84 -17.43 -22.14
C LEU B 261 -11.86 -15.91 -22.18
N LEU B 262 -10.95 -15.31 -21.43
CA LEU B 262 -10.68 -13.88 -21.57
C LEU B 262 -9.75 -13.65 -22.75
N PRO B 263 -10.09 -12.75 -23.68
CA PRO B 263 -9.13 -12.38 -24.72
C PRO B 263 -7.85 -11.85 -24.08
N CYS B 264 -6.72 -12.24 -24.66
CA CYS B 264 -5.43 -11.96 -24.04
C CYS B 264 -4.31 -12.17 -25.05
N SER B 265 -3.47 -11.16 -25.22
CA SER B 265 -2.31 -11.25 -26.10
C SER B 265 -1.02 -11.44 -25.32
N ASP B 266 -1.09 -11.60 -24.00
CA ASP B 266 0.10 -11.87 -23.21
C ASP B 266 0.79 -13.14 -23.71
N PRO B 267 2.11 -13.17 -23.79
CA PRO B 267 2.79 -14.43 -24.10
C PRO B 267 2.55 -15.48 -23.01
N LEU B 268 2.49 -16.73 -23.43
CA LEU B 268 2.49 -17.83 -22.50
C LEU B 268 3.84 -17.87 -21.78
N ASN B 269 3.80 -18.04 -20.46
CA ASN B 269 5.02 -17.96 -19.67
C ASN B 269 4.95 -18.85 -18.45
N PHE B 270 6.03 -19.59 -18.22
CA PHE B 270 6.17 -20.45 -17.04
C PHE B 270 7.43 -20.16 -16.25
N GLN B 271 8.21 -19.16 -16.64
CA GLN B 271 9.55 -18.92 -16.11
C GLN B 271 9.69 -17.51 -15.57
N PRO B 272 10.66 -17.27 -14.69
CA PRO B 272 10.85 -15.92 -14.16
C PRO B 272 11.08 -14.91 -15.26
N THR B 273 10.63 -13.69 -15.01
CA THR B 273 10.75 -12.61 -15.96
C THR B 273 12.14 -11.99 -15.86
N PRO B 274 12.98 -12.07 -16.90
CA PRO B 274 14.34 -11.51 -16.83
C PRO B 274 14.37 -10.01 -17.07
NA DBV C . 10.50 14.95 11.19
C1A DBV C . 10.22 16.30 11.01
C2A DBV C . 11.24 17.04 11.80
C3A DBV C . 12.07 16.16 12.39
C4A DBV C . 11.64 14.80 12.04
CMA DBV C . 11.21 18.51 11.80
CBA DBV C . 13.45 17.60 13.82
OA DBV C . 9.30 16.75 10.34
CHA DBV C . 12.21 13.68 12.44
CAA DBV C . 13.23 16.41 13.26
NB DBV C . 10.69 11.92 11.40
C1B DBV C . 11.78 12.36 12.19
C2B DBV C . 12.40 11.24 12.72
C3B DBV C . 11.74 10.11 12.30
C4B DBV C . 10.68 10.51 11.48
CHB DBV C . 9.75 9.62 10.85
CMB DBV C . 13.57 11.27 13.60
CAB DBV C . 12.07 8.73 12.62
CBB DBV C . 11.40 8.33 13.93
CGB DBV C . 11.64 6.84 14.20
O1B DBV C . 12.50 6.25 13.49
O2B DBV C . 10.97 6.31 15.10
CHC DBV C . 6.16 11.85 8.28
NC DBV C . 8.18 11.18 9.62
C1C DBV C . 8.64 9.90 10.14
C2C DBV C . 7.69 8.88 9.73
C3C DBV C . 6.71 9.49 9.04
C4C DBV C . 7.03 10.89 8.98
CMC DBV C . 5.55 8.85 8.44
CAC DBV C . 7.82 7.47 10.10
CBC DBV C . 7.49 7.40 11.60
CGC DBV C . 7.46 5.95 12.12
O1C DBV C . 6.93 5.77 13.25
O2C DBV C . 7.95 5.05 11.40
ND DBV C . 4.42 13.55 8.60
C1D DBV C . 5.18 12.48 9.28
C2D DBV C . 4.05 11.56 9.77
C3D DBV C . 2.85 12.08 9.43
C4D DBV C . 3.06 13.33 8.67
CMD DBV C . 4.24 10.50 10.77
CAD DBV C . 1.59 11.74 10.02
CBD DBV C . 0.43 12.22 9.58
OD DBV C . 2.25 14.09 8.16
HNA DBV C . 10.05 14.31 10.84
HMA1 DBV C . 12.08 18.88 11.58
HMA2 DBV C . 10.95 18.85 12.67
HMA3 DBV C . 10.57 18.85 11.16
HBA1 DBV C . 12.91 18.33 13.71
HBA2 DBV C . 14.19 17.77 14.37
HHA1 DBV C . 13.00 13.74 12.93
HAA1 DBV C . 13.81 15.69 13.39
HNB DBV C . 10.11 12.34 10.94
HHB1 DBV C . 9.98 8.73 10.96
HMB1 DBV C . 14.34 11.62 13.13
HMB2 DBV C . 13.42 11.84 14.36
HMB3 DBV C . 13.79 10.39 13.92
HAB1 DBV C . 11.79 8.12 11.92
HAB2 DBV C . 13.02 8.60 12.68
HBB1 DBV C . 10.45 8.51 13.90
HBB2 DBV C . 11.74 8.86 14.67
HHC1 DBV C . 5.68 11.39 7.57
HHC2 DBV C . 6.70 12.52 7.85
HMC1 DBV C . 4.78 9.44 8.40
HMC2 DBV C . 5.27 8.06 8.91
HMC3 DBV C . 5.71 8.57 7.53
HAC1 DBV C . 7.24 6.90 9.58
HAC2 DBV C . 8.72 7.13 9.92
HBC1 DBV C . 6.65 7.82 11.77
HBC2 DBV C . 8.14 7.90 12.10
HND DBV C . 4.80 14.22 8.21
H1D1 DBV C . 5.70 12.80 10.04
HMD1 DBV C . 5.18 10.38 11.02
HMD2 DBV C . 3.93 9.64 10.45
HMD3 DBV C . 3.77 10.67 11.59
HAD1 DBV C . 1.63 11.15 10.74
HBD1 DBV C . 0.36 12.81 8.86
HBD2 DBV C . -0.40 12.00 9.94
S SO4 D . 12.07 24.05 -12.59
O1 SO4 D . 13.42 23.76 -12.12
O2 SO4 D . 11.73 23.12 -13.66
O3 SO4 D . 11.12 23.89 -11.48
O4 SO4 D . 12.01 25.42 -13.09
S SO4 E . -10.01 32.93 -6.99
O1 SO4 E . -8.56 32.83 -6.84
O2 SO4 E . -10.58 31.59 -7.01
O3 SO4 E . -10.55 33.68 -5.85
O4 SO4 E . -10.33 33.62 -8.23
OH2 1PE F . -4.36 3.45 -12.65
C12 1PE F . -4.75 2.43 -11.77
C22 1PE F . -4.54 2.89 -10.33
OH3 1PE F . -3.50 2.14 -9.76
C13 1PE F . -1.83 1.83 -8.09
C23 1PE F . -3.04 2.64 -8.53
OH4 1PE F . -0.68 2.37 -8.70
C14 1PE F . 1.21 0.92 -8.84
C24 1PE F . 0.53 2.06 -8.08
OH5 1PE F . 2.15 1.46 -9.73
C15 1PE F . 1.61 0.38 -11.80
C25 1PE F . 1.64 1.69 -11.02
OH6 1PE F . 0.95 0.61 -13.02
C16 1PE F . 2.87 0.50 -14.45
C26 1PE F . 1.49 -0.04 -14.14
OH7 1PE F . 3.11 0.39 -15.83
HO2 1PE F . -5.00 3.61 -13.19
H121 1PE F . -5.69 2.21 -11.91
H122 1PE F . -4.21 1.63 -11.94
H221 1PE F . -5.35 2.75 -9.83
H222 1PE F . -4.31 3.83 -10.32
H131 1PE F . -1.94 0.91 -8.35
H132 1PE F . -1.74 1.89 -7.12
H231 1PE F . -3.74 2.56 -7.87
H232 1PE F . -2.80 3.58 -8.63
H141 1PE F . 0.54 0.43 -9.33
H142 1PE F . 1.66 0.34 -8.22
H241 1PE F . 1.10 2.84 -8.08
H242 1PE F . 0.35 1.79 -7.17
H151 1PE F . 2.51 0.06 -11.98
H152 1PE F . 1.13 -0.29 -11.29
H251 1PE F . 0.76 2.06 -10.96
H252 1PE F . 2.23 2.32 -11.48
H161 1PE F . 3.54 0.00 -13.97
H162 1PE F . 2.92 1.44 -14.19
H261 1PE F . 1.55 -1.00 -13.94
H262 1PE F . 0.91 0.09 -14.89
HO7 1PE F . 3.54 1.08 -16.10
NA DBV G . 0.21 -15.25 2.07
C1A DBV G . 0.15 -15.29 0.68
C2A DBV G . 1.12 -14.28 0.20
C3A DBV G . 1.71 -13.69 1.27
C4A DBV G . 1.16 -14.28 2.49
CMA DBV G . 1.32 -14.07 -1.25
CBA DBV G . 2.71 -11.68 0.35
OA DBV G . -0.59 -16.03 0.03
CHA DBV G . 1.51 -13.94 3.75
CAA DBV G . 2.74 -12.67 1.25
NB DBV G . -0.03 -15.46 5.17
C1B DBV G . 1.00 -14.50 4.97
C2B DBV G . 1.49 -14.13 6.23
C3B DBV G . 0.78 -14.84 7.21
C4B DBV G . -0.15 -15.67 6.56
CHB DBV G . -1.08 -16.56 7.22
CMB DBV G . 2.56 -13.17 6.48
CAB DBV G . 0.98 -14.77 8.66
CBB DBV G . -0.22 -14.13 9.35
CGB DBV G . -0.27 -12.62 9.12
O1B DBV G . -1.39 -12.04 9.23
O2B DBV G . 0.80 -12.04 8.83
CHC DBV G . -4.00 -19.18 4.16
NC DBV G . -2.27 -17.73 5.32
C1C DBV G . -2.06 -17.33 6.71
C2C DBV G . -3.12 -17.94 7.52
C3C DBV G . -3.93 -18.66 6.69
C4C DBV G . -3.39 -18.50 5.34
CMC DBV G . -5.12 -19.43 7.08
CAC DBV G . -3.24 -17.76 8.98
CBC DBV G . -4.08 -16.52 9.25
CGC DBV G . -4.23 -16.29 10.77
O1C DBV G . -3.27 -16.61 11.53
O2C DBV G . -5.31 -15.78 11.15
ND DBV G . -5.45 -18.99 2.20
C1D DBV G . -4.99 -18.27 3.40
C2D DBV G . -6.27 -18.00 4.14
C3D DBV G . -7.32 -18.46 3.43
C4D DBV G . -6.83 -19.13 2.19
CMD DBV G . -6.36 -17.03 5.25
CAD DBV G . -8.72 -18.30 3.73
CBD DBV G . -9.68 -18.64 2.88
OD DBV G . -7.43 -19.71 1.29
HNA DBV G . -0.27 -15.74 2.60
HMA1 DBV G . 0.85 -14.74 -1.77
HMA2 DBV G . 0.98 -13.20 -1.53
HMA3 DBV G . 2.25 -14.11 -1.48
HBA1 DBV G . 2.05 -11.59 -0.29
HBA2 DBV G . 3.35 -11.01 0.31
HHA1 DBV G . 2.14 -13.28 3.86
HAA1 DBV G . 3.41 -12.73 1.89
HNB DBV G . -0.53 -15.88 4.61
HHB1 DBV G . -0.95 -16.59 8.14
HMB1 DBV G . 3.44 -13.57 6.32
HMB2 DBV G . 2.54 -12.85 7.38
HMB3 DBV G . 2.49 -12.40 5.88
HAB1 DBV G . 1.79 -14.29 8.89
HAB2 DBV G . 1.14 -15.66 9.03
HBB1 DBV G . -0.20 -14.31 10.31
HBB2 DBV G . -1.04 -14.53 9.05
HHC1 DBV G . -4.45 -19.99 4.45
HHC2 DBV G . -3.30 -19.48 3.56
HMC1 DBV G . -4.89 -20.24 7.58
HMC2 DBV G . -5.63 -19.74 6.32
HMC3 DBV G . -5.73 -18.94 7.63
HAC1 DBV G . -3.64 -18.55 9.39
HAC2 DBV G . -2.37 -17.70 9.40
HBC1 DBV G . -4.95 -16.59 8.84
HBC2 DBV G . -3.67 -15.74 8.85
HND DBV G . -4.93 -19.28 1.59
H1D1 DBV G . -4.54 -17.43 3.21
HMD1 DBV G . -5.49 -16.66 5.47
HMD2 DBV G . -6.94 -16.28 5.03
HMD3 DBV G . -6.70 -17.43 6.06
HAD1 DBV G . -8.90 -17.94 4.57
HBD1 DBV G . -10.58 -18.54 3.08
HBD2 DBV G . -9.54 -19.00 2.04
S SO4 H . -14.60 -32.74 -21.23
O1 SO4 H . -13.43 -33.19 -20.48
O2 SO4 H . -15.30 -33.89 -21.79
O3 SO4 H . -15.49 -32.02 -20.34
O4 SO4 H . -14.17 -31.86 -22.31
S SO4 I . 7.12 -36.74 -10.10
O1 SO4 I . 7.52 -37.85 -10.95
O2 SO4 I . 6.83 -37.23 -8.76
O3 SO4 I . 8.20 -35.76 -10.04
O4 SO4 I . 5.92 -36.10 -10.66
S SO4 J . -7.92 -24.42 15.90
O1 SO4 J . -7.47 -25.57 16.69
O2 SO4 J . -9.23 -24.70 15.32
O3 SO4 J . -8.01 -23.24 16.76
O4 SO4 J . -6.95 -24.16 14.84
#